data_2F23
#
_entry.id   2F23
#
_cell.length_a   28.412
_cell.length_b   152.662
_cell.length_c   32.375
_cell.angle_alpha   90.00
_cell.angle_beta   102.65
_cell.angle_gamma   90.00
#
_symmetry.space_group_name_H-M   'P 1 21 1'
#
loop_
_entity.id
_entity.type
_entity.pdbx_description
1 polymer 'Anti-cleavage anti-greA transcription factor gfh1'
2 water water
#
_entity_poly.entity_id   1
_entity_poly.type   'polypeptide(L)'
_entity_poly.pdbx_seq_one_letter_code
;MAREVKLTKAGYERLMQQLERERERLQEATKILQELMESSDDYDDSGLEAAKQEKARIEARIDSLEDILSRAVILEEGSG
EVIGLGSVVELEDPLSGERLSVQVVSPAEANVLDTPMKISDASPMGKALLGHRVGDVLSLDTPKGKREFRVVAIHG
;
_entity_poly.pdbx_strand_id   A,B
#
# COMPACT_ATOMS: atom_id res chain seq x y z
N ARG A 3 -7.96 20.28 20.25
CA ARG A 3 -8.90 20.06 21.40
C ARG A 3 -8.21 19.28 22.51
N GLU A 4 -8.63 19.52 23.75
CA GLU A 4 -8.06 18.84 24.91
C GLU A 4 -8.15 17.32 24.77
N VAL A 5 -7.19 16.62 25.38
CA VAL A 5 -7.16 15.16 25.31
C VAL A 5 -7.12 14.54 26.71
N LYS A 6 -8.15 13.78 27.04
CA LYS A 6 -8.22 13.13 28.34
C LYS A 6 -8.04 11.63 28.14
N LEU A 7 -7.21 11.03 29.00
CA LEU A 7 -6.96 9.59 28.95
C LEU A 7 -6.95 9.00 30.35
N THR A 8 -7.40 7.76 30.48
CA THR A 8 -7.34 7.11 31.77
C THR A 8 -5.95 6.48 31.77
N LYS A 9 -5.51 5.94 32.90
CA LYS A 9 -4.21 5.30 32.94
C LYS A 9 -4.19 4.15 31.94
N ALA A 10 -5.31 3.42 31.84
CA ALA A 10 -5.39 2.31 30.90
C ALA A 10 -5.33 2.78 29.46
N GLY A 11 -6.03 3.88 29.16
CA GLY A 11 -6.03 4.41 27.81
C GLY A 11 -4.65 4.84 27.38
N TYR A 12 -3.94 5.50 28.29
CA TYR A 12 -2.58 5.97 28.01
C TYR A 12 -1.69 4.74 27.76
N GLU A 13 -1.81 3.76 28.64
CA GLU A 13 -1.01 2.53 28.53
C GLU A 13 -1.22 1.86 27.17
N ARG A 14 -2.47 1.73 26.76
CA ARG A 14 -2.76 1.09 25.48
C ARG A 14 -2.13 1.84 24.32
N LEU A 15 -2.31 3.15 24.27
CA LEU A 15 -1.74 3.95 23.19
C LEU A 15 -0.22 3.95 23.18
N MET A 16 0.40 3.97 24.36
CA MET A 16 1.87 3.96 24.41
C MET A 16 2.38 2.62 23.90
N GLN A 17 1.70 1.54 24.28
CA GLN A 17 2.10 0.22 23.81
C GLN A 17 1.94 0.18 22.30
N GLN A 18 0.86 0.76 21.79
CA GLN A 18 0.64 0.78 20.36
C GLN A 18 1.74 1.58 19.67
N LEU A 19 2.14 2.69 20.28
CA LEU A 19 3.20 3.51 19.73
C LEU A 19 4.51 2.73 19.66
N GLU A 20 4.81 1.96 20.68
CA GLU A 20 6.04 1.16 20.68
C GLU A 20 6.02 0.17 19.52
N ARG A 21 4.86 -0.46 19.31
CA ARG A 21 4.72 -1.42 18.23
C ARG A 21 4.88 -0.73 16.88
N GLU A 22 4.32 0.48 16.75
CA GLU A 22 4.45 1.21 15.51
C GLU A 22 5.89 1.62 15.23
N ARG A 23 6.64 1.95 16.27
CA ARG A 23 8.04 2.32 16.07
C ARG A 23 8.82 1.12 15.55
N GLU A 24 8.44 -0.06 16.01
CA GLU A 24 9.10 -1.29 15.58
C GLU A 24 8.83 -1.49 14.09
N ARG A 25 7.58 -1.27 13.70
CA ARG A 25 7.19 -1.41 12.31
C ARG A 25 7.90 -0.39 11.44
N LEU A 26 8.11 0.81 11.98
CA LEU A 26 8.78 1.86 11.22
C LEU A 26 10.24 1.48 10.96
N GLN A 27 10.88 0.91 11.97
CA GLN A 27 12.28 0.50 11.83
C GLN A 27 12.38 -0.53 10.71
N GLU A 28 11.46 -1.47 10.70
CA GLU A 28 11.43 -2.52 9.68
C GLU A 28 11.15 -1.93 8.30
N ALA A 29 10.19 -1.02 8.23
CA ALA A 29 9.83 -0.38 6.97
C ALA A 29 10.98 0.45 6.42
N THR A 30 11.75 1.05 7.31
CA THR A 30 12.89 1.86 6.89
C THR A 30 13.99 0.97 6.36
N LYS A 31 14.21 -0.17 7.02
CA LYS A 31 15.25 -1.10 6.59
C LYS A 31 14.91 -1.60 5.18
N ILE A 32 13.64 -1.96 4.97
CA ILE A 32 13.19 -2.44 3.67
C ILE A 32 13.43 -1.39 2.59
N LEU A 33 13.07 -0.14 2.88
CA LEU A 33 13.25 0.93 1.93
C LEU A 33 14.73 1.12 1.58
N GLN A 34 15.56 1.12 2.61
CA GLN A 34 17.00 1.29 2.40
C GLN A 34 17.57 0.18 1.53
N GLU A 35 17.16 -1.06 1.80
CA GLU A 35 17.62 -2.20 1.03
C GLU A 35 17.27 -2.05 -0.45
N LEU A 36 16.04 -1.60 -0.72
CA LEU A 36 15.58 -1.42 -2.09
C LEU A 36 16.30 -0.27 -2.78
N MET A 37 16.65 0.76 -2.01
CA MET A 37 17.35 1.91 -2.57
C MET A 37 18.77 1.51 -2.97
N GLU A 38 19.34 0.55 -2.25
CA GLU A 38 20.70 0.08 -2.54
C GLU A 38 20.73 -1.18 -3.40
N SER A 39 19.56 -1.66 -3.83
CA SER A 39 19.49 -2.86 -4.65
C SER A 39 20.06 -2.62 -6.03
N SER A 40 20.64 -3.67 -6.63
CA SER A 40 21.23 -3.57 -7.96
C SER A 40 20.29 -4.10 -9.05
N ASP A 41 19.26 -4.82 -8.64
CA ASP A 41 18.30 -5.39 -9.58
C ASP A 41 17.00 -4.61 -9.53
N ASP A 42 16.88 -3.60 -10.39
CA ASP A 42 15.68 -2.77 -10.42
C ASP A 42 14.93 -2.88 -11.73
N TYR A 43 13.97 -3.82 -11.79
CA TYR A 43 13.18 -4.00 -13.00
C TYR A 43 12.35 -2.73 -13.17
N ASP A 44 11.77 -2.27 -12.08
CA ASP A 44 10.95 -1.06 -12.09
C ASP A 44 10.89 -0.48 -10.69
N ASP A 45 10.19 0.64 -10.54
CA ASP A 45 10.09 1.29 -9.24
C ASP A 45 8.86 0.96 -8.41
N SER A 46 8.08 -0.02 -8.85
CA SER A 46 6.86 -0.41 -8.12
C SER A 46 7.16 -0.78 -6.67
N GLY A 47 8.21 -1.57 -6.46
CA GLY A 47 8.58 -2.00 -5.12
C GLY A 47 9.01 -0.84 -4.24
N LEU A 48 9.79 0.07 -4.80
CA LEU A 48 10.26 1.23 -4.05
C LEU A 48 9.08 2.12 -3.65
N GLU A 49 8.15 2.33 -4.58
CA GLU A 49 7.00 3.16 -4.29
C GLU A 49 6.15 2.56 -3.19
N ALA A 50 5.97 1.24 -3.21
CA ALA A 50 5.17 0.56 -2.20
C ALA A 50 5.86 0.67 -0.85
N ALA A 51 7.20 0.56 -0.86
CA ALA A 51 7.97 0.66 0.38
C ALA A 51 7.87 2.06 0.97
N LYS A 52 7.92 3.07 0.12
CA LYS A 52 7.80 4.45 0.59
C LYS A 52 6.38 4.70 1.10
N GLN A 53 5.38 4.12 0.45
CA GLN A 53 4.00 4.30 0.86
C GLN A 53 3.74 3.68 2.23
N GLU A 54 4.32 2.52 2.48
CA GLU A 54 4.12 1.85 3.76
C GLU A 54 4.84 2.59 4.88
N LYS A 55 6.04 3.09 4.59
CA LYS A 55 6.80 3.84 5.57
C LYS A 55 6.01 5.08 5.97
N ALA A 56 5.43 5.76 4.98
CA ALA A 56 4.65 6.97 5.25
C ALA A 56 3.39 6.65 6.05
N ARG A 57 2.77 5.51 5.77
CA ARG A 57 1.56 5.12 6.47
C ARG A 57 1.87 4.98 7.95
N ILE A 58 2.98 4.32 8.24
CA ILE A 58 3.38 4.10 9.64
C ILE A 58 3.75 5.41 10.31
N GLU A 59 4.51 6.25 9.62
CA GLU A 59 4.91 7.53 10.17
C GLU A 59 3.71 8.38 10.56
N ALA A 60 2.65 8.33 9.75
CA ALA A 60 1.45 9.11 10.03
C ALA A 60 0.76 8.62 11.30
N ARG A 61 0.78 7.31 11.52
CA ARG A 61 0.16 6.76 12.72
C ARG A 61 0.98 7.18 13.94
N ILE A 62 2.30 7.12 13.82
CA ILE A 62 3.17 7.51 14.92
C ILE A 62 2.99 8.98 15.27
N ASP A 63 2.85 9.84 14.27
CA ASP A 63 2.66 11.25 14.54
C ASP A 63 1.36 11.49 15.31
N SER A 64 0.31 10.78 14.92
CA SER A 64 -0.97 10.93 15.61
C SER A 64 -0.89 10.43 17.04
N LEU A 65 -0.22 9.30 17.24
CA LEU A 65 -0.08 8.74 18.57
C LEU A 65 0.75 9.65 19.47
N GLU A 66 1.84 10.18 18.94
CA GLU A 66 2.70 11.07 19.72
C GLU A 66 1.95 12.34 20.08
N ASP A 67 1.11 12.81 19.17
CA ASP A 67 0.35 14.03 19.41
C ASP A 67 -0.61 13.83 20.57
N ILE A 68 -1.39 12.76 20.52
CA ILE A 68 -2.35 12.46 21.56
C ILE A 68 -1.70 12.19 22.91
N LEU A 69 -0.68 11.34 22.91
CA LEU A 69 0.01 10.99 24.15
C LEU A 69 0.72 12.16 24.81
N SER A 70 1.33 13.02 24.00
CA SER A 70 2.06 14.17 24.54
C SER A 70 1.15 15.24 25.13
N ARG A 71 -0.10 15.31 24.66
CA ARG A 71 -1.02 16.33 25.14
C ARG A 71 -2.05 15.79 26.12
N ALA A 72 -2.02 14.49 26.36
CA ALA A 72 -2.98 13.88 27.25
C ALA A 72 -2.88 14.25 28.71
N VAL A 73 -4.04 14.37 29.34
CA VAL A 73 -4.14 14.63 30.77
C VAL A 73 -4.65 13.30 31.30
N ILE A 74 -3.96 12.75 32.29
CA ILE A 74 -4.35 11.48 32.86
C ILE A 74 -5.39 11.69 33.94
N LEU A 75 -6.58 11.11 33.71
CA LEU A 75 -7.67 11.24 34.65
C LEU A 75 -7.54 10.30 35.82
N GLU A 76 -8.21 10.67 36.90
CA GLU A 76 -8.22 9.89 38.11
C GLU A 76 -9.13 8.68 37.83
N GLU A 77 -8.82 7.54 38.45
CA GLU A 77 -9.62 6.35 38.25
C GLU A 77 -11.06 6.58 38.72
N GLY A 78 -11.98 5.76 38.21
CA GLY A 78 -13.38 5.87 38.59
C GLY A 78 -14.02 7.24 38.53
N SER A 79 -13.61 8.06 37.57
CA SER A 79 -14.14 9.41 37.44
C SER A 79 -15.26 9.51 36.40
N GLY A 80 -16.11 10.52 36.57
CA GLY A 80 -17.20 10.75 35.64
C GLY A 80 -18.22 9.64 35.56
N GLU A 81 -18.92 9.59 34.42
CA GLU A 81 -19.94 8.57 34.19
C GLU A 81 -19.33 7.27 33.69
N VAL A 82 -20.12 6.21 33.73
CA VAL A 82 -19.66 4.91 33.25
C VAL A 82 -20.70 4.42 32.25
N ILE A 83 -20.22 3.84 31.14
CA ILE A 83 -21.11 3.37 30.09
C ILE A 83 -21.99 2.18 30.44
N GLY A 84 -23.30 2.38 30.29
CA GLY A 84 -24.26 1.33 30.57
C GLY A 84 -25.43 1.44 29.63
N LEU A 85 -26.45 0.63 29.87
CA LEU A 85 -27.65 0.66 29.05
C LEU A 85 -28.20 2.09 29.07
N GLY A 86 -28.44 2.66 27.89
CA GLY A 86 -28.98 4.01 27.81
C GLY A 86 -27.94 5.11 27.62
N SER A 87 -26.68 4.80 27.83
CA SER A 87 -25.63 5.80 27.69
C SER A 87 -25.33 6.19 26.25
N VAL A 88 -25.18 7.49 26.02
CA VAL A 88 -24.82 8.00 24.70
C VAL A 88 -23.33 8.28 24.85
N VAL A 89 -22.55 7.70 23.96
CA VAL A 89 -21.11 7.83 24.04
C VAL A 89 -20.50 8.49 22.81
N GLU A 90 -19.66 9.49 23.05
CA GLU A 90 -18.96 10.19 21.98
C GLU A 90 -17.57 9.56 21.93
N LEU A 91 -17.17 9.13 20.73
CA LEU A 91 -15.89 8.47 20.51
C LEU A 91 -15.05 9.21 19.48
N GLU A 92 -13.73 9.04 19.56
CA GLU A 92 -12.83 9.67 18.61
C GLU A 92 -11.68 8.74 18.29
N ASP A 93 -11.49 8.47 17.00
CA ASP A 93 -10.42 7.61 16.53
C ASP A 93 -9.12 8.39 16.74
N PRO A 94 -8.20 7.86 17.58
CA PRO A 94 -6.93 8.54 17.84
C PRO A 94 -5.98 8.67 16.65
N LEU A 95 -6.18 7.82 15.65
CA LEU A 95 -5.32 7.84 14.47
C LEU A 95 -5.84 8.72 13.33
N SER A 96 -7.16 8.80 13.18
CA SER A 96 -7.74 9.61 12.10
C SER A 96 -8.46 10.86 12.58
N GLY A 97 -8.83 10.88 13.86
CA GLY A 97 -9.53 12.03 14.40
C GLY A 97 -11.02 11.94 14.11
N GLU A 98 -11.43 10.86 13.46
CA GLU A 98 -12.84 10.66 13.13
C GLU A 98 -13.69 10.61 14.40
N ARG A 99 -14.82 11.30 14.37
CA ARG A 99 -15.72 11.31 15.53
C ARG A 99 -16.98 10.53 15.22
N LEU A 100 -17.41 9.73 16.19
CA LEU A 100 -18.60 8.90 16.06
C LEU A 100 -19.30 8.84 17.41
N SER A 101 -20.62 8.80 17.39
CA SER A 101 -21.36 8.70 18.64
C SER A 101 -22.28 7.49 18.56
N VAL A 102 -22.53 6.88 19.71
CA VAL A 102 -23.38 5.70 19.77
C VAL A 102 -24.17 5.72 21.06
N GLN A 103 -25.25 4.95 21.09
CA GLN A 103 -26.03 4.83 22.31
C GLN A 103 -26.21 3.35 22.56
N VAL A 104 -25.86 2.90 23.75
CA VAL A 104 -26.00 1.50 24.11
C VAL A 104 -27.48 1.28 24.44
N VAL A 105 -28.11 0.32 23.76
CA VAL A 105 -29.52 0.04 23.99
C VAL A 105 -29.77 -1.45 24.08
N SER A 106 -31.00 -1.83 24.41
CA SER A 106 -31.33 -3.25 24.49
C SER A 106 -31.33 -3.80 23.07
N PRO A 107 -31.09 -5.12 22.92
CA PRO A 107 -31.06 -5.76 21.62
C PRO A 107 -32.22 -5.40 20.69
N ALA A 108 -33.43 -5.35 21.23
CA ALA A 108 -34.61 -5.03 20.46
C ALA A 108 -34.67 -3.60 19.92
N GLU A 109 -33.82 -2.73 20.46
CA GLU A 109 -33.79 -1.34 20.03
C GLU A 109 -32.63 -0.99 19.10
N ALA A 110 -31.78 -1.96 18.81
CA ALA A 110 -30.63 -1.71 17.94
C ALA A 110 -30.97 -1.20 16.54
N ASN A 111 -30.17 -0.26 16.06
CA ASN A 111 -30.33 0.31 14.72
C ASN A 111 -29.02 1.01 14.36
N VAL A 112 -28.20 0.33 13.58
CA VAL A 112 -26.89 0.86 13.19
C VAL A 112 -26.94 2.01 12.18
N LEU A 113 -28.12 2.33 11.70
CA LEU A 113 -28.25 3.41 10.72
C LEU A 113 -28.54 4.76 11.37
N ASP A 114 -28.91 4.75 12.64
CA ASP A 114 -29.20 5.99 13.35
C ASP A 114 -27.92 6.70 13.79
N THR A 115 -28.08 7.96 14.18
CA THR A 115 -26.97 8.76 14.69
C THR A 115 -27.51 9.50 15.90
N PRO A 116 -27.01 9.16 17.10
CA PRO A 116 -25.98 8.16 17.34
C PRO A 116 -26.43 6.74 16.97
N MET A 117 -25.48 5.88 16.61
CA MET A 117 -25.80 4.51 16.27
C MET A 117 -26.34 3.82 17.50
N LYS A 118 -27.51 3.20 17.39
CA LYS A 118 -28.08 2.48 18.54
C LYS A 118 -27.50 1.07 18.48
N ILE A 119 -26.59 0.80 19.40
CA ILE A 119 -25.89 -0.47 19.46
C ILE A 119 -26.40 -1.36 20.59
N SER A 120 -26.69 -2.61 20.26
CA SER A 120 -27.18 -3.57 21.25
C SER A 120 -26.12 -3.84 22.30
N ASP A 121 -26.51 -3.85 23.57
CA ASP A 121 -25.56 -4.12 24.63
C ASP A 121 -25.06 -5.57 24.61
N ALA A 122 -25.70 -6.40 23.80
CA ALA A 122 -25.30 -7.80 23.68
C ALA A 122 -24.38 -8.06 22.48
N SER A 123 -24.21 -7.04 21.64
CA SER A 123 -23.35 -7.17 20.47
C SER A 123 -21.89 -7.03 20.89
N PRO A 124 -20.96 -7.44 20.02
CA PRO A 124 -19.54 -7.33 20.37
C PRO A 124 -19.14 -5.90 20.73
N MET A 125 -19.65 -4.93 19.98
CA MET A 125 -19.33 -3.53 20.25
C MET A 125 -19.96 -3.09 21.57
N GLY A 126 -21.22 -3.47 21.77
CA GLY A 126 -21.94 -3.12 22.98
C GLY A 126 -21.24 -3.62 24.23
N LYS A 127 -20.90 -4.91 24.23
CA LYS A 127 -20.24 -5.50 25.38
C LYS A 127 -18.86 -4.90 25.61
N ALA A 128 -18.21 -4.47 24.54
CA ALA A 128 -16.88 -3.88 24.65
C ALA A 128 -16.93 -2.49 25.27
N LEU A 129 -18.07 -1.83 25.17
CA LEU A 129 -18.25 -0.47 25.72
C LEU A 129 -18.70 -0.47 27.17
N LEU A 130 -19.52 -1.44 27.55
CA LEU A 130 -20.03 -1.52 28.91
C LEU A 130 -18.95 -1.43 29.99
N GLY A 131 -19.20 -0.55 30.97
CA GLY A 131 -18.29 -0.40 32.08
C GLY A 131 -17.08 0.50 31.88
N HIS A 132 -16.97 1.12 30.71
CA HIS A 132 -15.84 1.99 30.45
C HIS A 132 -16.14 3.45 30.71
N ARG A 133 -15.06 4.24 30.83
CA ARG A 133 -15.20 5.66 31.15
C ARG A 133 -14.48 6.56 30.18
N VAL A 134 -14.71 7.86 30.32
CA VAL A 134 -14.05 8.85 29.47
C VAL A 134 -12.55 8.68 29.64
N GLY A 135 -11.84 8.63 28.53
CA GLY A 135 -10.39 8.48 28.61
C GLY A 135 -9.94 7.09 28.25
N ASP A 136 -10.85 6.11 28.30
CA ASP A 136 -10.49 4.75 27.94
C ASP A 136 -10.32 4.64 26.43
N VAL A 137 -9.49 3.70 26.00
CA VAL A 137 -9.22 3.47 24.59
C VAL A 137 -9.64 2.03 24.29
N LEU A 138 -10.52 1.87 23.32
CA LEU A 138 -11.07 0.56 22.97
C LEU A 138 -10.99 0.23 21.49
N SER A 139 -10.89 -1.06 21.20
CA SER A 139 -10.88 -1.53 19.82
C SER A 139 -12.31 -2.05 19.65
N LEU A 140 -13.05 -1.46 18.72
CA LEU A 140 -14.44 -1.84 18.52
C LEU A 140 -14.74 -2.42 17.15
N ASP A 141 -15.64 -3.39 17.14
CA ASP A 141 -16.07 -4.05 15.91
C ASP A 141 -17.28 -3.30 15.38
N THR A 142 -17.04 -2.32 14.53
CA THR A 142 -18.11 -1.51 13.95
C THR A 142 -18.57 -2.08 12.62
N PRO A 143 -19.65 -1.52 12.05
CA PRO A 143 -20.12 -2.02 10.76
C PRO A 143 -19.13 -1.76 9.63
N LYS A 144 -18.14 -0.91 9.91
CA LYS A 144 -17.12 -0.58 8.92
C LYS A 144 -15.84 -1.36 9.21
N GLY A 145 -15.89 -2.23 10.23
CA GLY A 145 -14.73 -3.02 10.57
C GLY A 145 -14.18 -2.68 11.94
N LYS A 146 -13.01 -3.23 12.26
CA LYS A 146 -12.37 -3.01 13.54
C LYS A 146 -11.66 -1.65 13.56
N ARG A 147 -11.98 -0.84 14.57
CA ARG A 147 -11.38 0.48 14.70
C ARG A 147 -11.09 0.78 16.17
N GLU A 148 -10.11 1.64 16.42
CA GLU A 148 -9.75 2.02 17.78
C GLU A 148 -10.36 3.38 18.09
N PHE A 149 -10.99 3.50 19.25
CA PHE A 149 -11.61 4.76 19.66
C PHE A 149 -11.32 5.14 21.09
N ARG A 150 -11.20 6.43 21.33
CA ARG A 150 -10.99 6.96 22.67
C ARG A 150 -12.36 7.47 23.09
N VAL A 151 -12.76 7.18 24.33
CA VAL A 151 -14.05 7.65 24.84
C VAL A 151 -13.88 9.11 25.23
N VAL A 152 -14.61 9.99 24.56
CA VAL A 152 -14.52 11.42 24.81
C VAL A 152 -15.57 11.97 25.77
N ALA A 153 -16.78 11.42 25.69
CA ALA A 153 -17.86 11.87 26.56
C ALA A 153 -18.92 10.78 26.73
N ILE A 154 -19.58 10.82 27.88
CA ILE A 154 -20.65 9.86 28.19
C ILE A 154 -21.77 10.65 28.86
N HIS A 155 -22.99 10.51 28.36
CA HIS A 155 -24.11 11.22 28.96
C HIS A 155 -25.43 10.55 28.65
N GLY A 156 -26.52 11.11 29.18
CA GLY A 156 -27.82 10.56 28.94
C GLY A 156 -28.39 11.04 27.62
N ARG B 3 -3.32 -11.66 -28.74
CA ARG B 3 -2.38 -11.39 -29.83
C ARG B 3 -1.05 -12.06 -29.54
N GLU B 4 -0.16 -12.06 -30.54
CA GLU B 4 1.16 -12.68 -30.41
C GLU B 4 2.08 -11.84 -29.54
N VAL B 5 3.00 -12.51 -28.85
CA VAL B 5 3.96 -11.85 -27.98
C VAL B 5 5.37 -12.30 -28.35
N LYS B 6 6.09 -11.47 -29.09
CA LYS B 6 7.45 -11.84 -29.48
C LYS B 6 8.45 -11.50 -28.39
N LEU B 7 9.37 -12.43 -28.15
CA LEU B 7 10.43 -12.24 -27.16
C LEU B 7 11.73 -12.82 -27.66
N THR B 8 12.82 -12.14 -27.36
CA THR B 8 14.13 -12.66 -27.71
C THR B 8 14.49 -13.57 -26.55
N LYS B 9 15.53 -14.38 -26.72
CA LYS B 9 15.97 -15.26 -25.64
C LYS B 9 16.25 -14.42 -24.40
N ALA B 10 16.91 -13.28 -24.58
CA ALA B 10 17.25 -12.40 -23.48
C ALA B 10 16.02 -11.81 -22.79
N GLY B 11 15.01 -11.45 -23.58
CA GLY B 11 13.81 -10.88 -23.01
C GLY B 11 13.03 -11.88 -22.19
N TYR B 12 12.93 -13.10 -22.70
CA TYR B 12 12.22 -14.16 -22.00
C TYR B 12 12.92 -14.47 -20.68
N GLU B 13 14.25 -14.60 -20.73
CA GLU B 13 15.01 -14.91 -19.53
C GLU B 13 14.89 -13.80 -18.48
N ARG B 14 14.86 -12.55 -18.92
CA ARG B 14 14.73 -11.46 -17.96
C ARG B 14 13.37 -11.53 -17.27
N LEU B 15 12.31 -11.76 -18.04
CA LEU B 15 10.98 -11.85 -17.46
C LEU B 15 10.78 -13.08 -16.59
N MET B 16 11.38 -14.21 -16.96
CA MET B 16 11.23 -15.41 -16.14
C MET B 16 11.93 -15.22 -14.81
N GLN B 17 13.08 -14.55 -14.82
CA GLN B 17 13.82 -14.31 -13.59
C GLN B 17 12.98 -13.39 -12.70
N GLN B 18 12.34 -12.41 -13.31
CA GLN B 18 11.51 -11.47 -12.56
C GLN B 18 10.32 -12.19 -11.95
N LEU B 19 9.73 -13.11 -12.69
CA LEU B 19 8.59 -13.87 -12.21
C LEU B 19 8.99 -14.70 -11.00
N GLU B 20 10.15 -15.35 -11.07
CA GLU B 20 10.61 -16.16 -9.95
C GLU B 20 10.78 -15.29 -8.70
N ARG B 21 11.23 -14.06 -8.89
CA ARG B 21 11.42 -13.14 -7.78
C ARG B 21 10.08 -12.69 -7.21
N GLU B 22 9.13 -12.40 -8.09
CA GLU B 22 7.81 -11.96 -7.64
C GLU B 22 7.13 -13.07 -6.83
N ARG B 23 7.39 -14.32 -7.20
CA ARG B 23 6.79 -15.44 -6.49
C ARG B 23 7.34 -15.51 -5.08
N GLU B 24 8.61 -15.20 -4.93
CA GLU B 24 9.23 -15.22 -3.61
C GLU B 24 8.60 -14.10 -2.77
N ARG B 25 8.37 -12.95 -3.37
CA ARG B 25 7.75 -11.85 -2.64
C ARG B 25 6.31 -12.17 -2.28
N LEU B 26 5.62 -12.91 -3.16
CA LEU B 26 4.24 -13.27 -2.89
C LEU B 26 4.17 -14.18 -1.67
N GLN B 27 5.10 -15.13 -1.60
CA GLN B 27 5.13 -16.05 -0.46
C GLN B 27 5.34 -15.30 0.85
N GLU B 28 6.18 -14.27 0.83
CA GLU B 28 6.44 -13.48 2.03
C GLU B 28 5.22 -12.63 2.39
N ALA B 29 4.57 -12.08 1.36
CA ALA B 29 3.39 -11.24 1.57
C ALA B 29 2.28 -12.10 2.14
N THR B 30 2.20 -13.34 1.71
CA THR B 30 1.18 -14.27 2.17
C THR B 30 1.45 -14.61 3.64
N LYS B 31 2.71 -14.86 3.97
CA LYS B 31 3.09 -15.16 5.34
C LYS B 31 2.71 -14.02 6.28
N ILE B 32 2.99 -12.79 5.84
CA ILE B 32 2.68 -11.62 6.66
C ILE B 32 1.18 -11.52 6.88
N LEU B 33 0.40 -11.73 5.82
CA LEU B 33 -1.05 -11.67 5.94
C LEU B 33 -1.55 -12.75 6.88
N GLN B 34 -1.02 -13.96 6.72
CA GLN B 34 -1.41 -15.09 7.57
C GLN B 34 -1.18 -14.81 9.04
N GLU B 35 0.05 -14.42 9.39
CA GLU B 35 0.39 -14.13 10.78
C GLU B 35 -0.51 -13.04 11.37
N LEU B 36 -0.87 -12.06 10.57
CA LEU B 36 -1.73 -10.99 11.03
C LEU B 36 -3.16 -11.49 11.23
N MET B 37 -3.57 -12.43 10.38
CA MET B 37 -4.92 -12.99 10.47
C MET B 37 -5.05 -13.92 11.68
N GLU B 38 -4.07 -14.79 11.87
CA GLU B 38 -4.09 -15.72 12.99
C GLU B 38 -4.06 -14.96 14.31
N SER B 39 -2.92 -14.36 14.62
CA SER B 39 -2.77 -13.60 15.85
C SER B 39 -3.39 -12.21 15.70
N SER B 40 -4.72 -12.17 15.70
CA SER B 40 -5.44 -10.90 15.58
C SER B 40 -5.40 -10.14 16.89
N ASP B 41 -4.20 -9.75 17.30
CA ASP B 41 -4.00 -9.01 18.54
C ASP B 41 -3.53 -7.58 18.26
N ASP B 42 -4.08 -6.97 17.23
CA ASP B 42 -3.72 -5.60 16.86
C ASP B 42 -4.66 -4.63 17.56
N TYR B 43 -4.82 -3.44 16.98
CA TYR B 43 -5.70 -2.42 17.54
C TYR B 43 -6.77 -2.02 16.55
N ASP B 44 -6.47 -2.19 15.26
CA ASP B 44 -7.41 -1.85 14.20
C ASP B 44 -7.12 -2.69 12.96
N ASP B 45 -7.84 -2.45 11.87
CA ASP B 45 -7.65 -3.23 10.65
C ASP B 45 -6.74 -2.62 9.59
N SER B 46 -6.08 -1.51 9.91
CA SER B 46 -5.20 -0.86 8.95
C SER B 46 -4.05 -1.75 8.49
N GLY B 47 -3.47 -2.49 9.43
CA GLY B 47 -2.37 -3.39 9.10
C GLY B 47 -2.81 -4.50 8.17
N LEU B 48 -3.96 -5.08 8.45
CA LEU B 48 -4.50 -6.17 7.64
C LEU B 48 -4.80 -5.66 6.24
N GLU B 49 -5.38 -4.47 6.17
CA GLU B 49 -5.73 -3.86 4.89
C GLU B 49 -4.48 -3.66 4.06
N ALA B 50 -3.43 -3.13 4.68
CA ALA B 50 -2.17 -2.88 3.98
C ALA B 50 -1.57 -4.19 3.47
N ALA B 51 -1.61 -5.22 4.31
CA ALA B 51 -1.08 -6.53 3.96
C ALA B 51 -1.83 -7.14 2.78
N LYS B 52 -3.15 -7.04 2.78
CA LYS B 52 -3.94 -7.59 1.68
C LYS B 52 -3.65 -6.82 0.40
N GLN B 53 -3.46 -5.51 0.52
CA GLN B 53 -3.17 -4.66 -0.63
C GLN B 53 -1.84 -5.02 -1.28
N GLU B 54 -0.81 -5.23 -0.46
CA GLU B 54 0.50 -5.58 -0.98
C GLU B 54 0.47 -6.95 -1.63
N LYS B 55 -0.28 -7.87 -1.03
CA LYS B 55 -0.39 -9.21 -1.58
C LYS B 55 -1.04 -9.12 -2.96
N ALA B 56 -2.13 -8.35 -3.06
CA ALA B 56 -2.82 -8.19 -4.33
C ALA B 56 -1.92 -7.53 -5.38
N ARG B 57 -1.13 -6.55 -4.96
CA ARG B 57 -0.22 -5.87 -5.87
C ARG B 57 0.71 -6.86 -6.54
N ILE B 58 1.29 -7.74 -5.73
CA ILE B 58 2.22 -8.73 -6.24
C ILE B 58 1.52 -9.78 -7.10
N GLU B 59 0.33 -10.20 -6.68
CA GLU B 59 -0.42 -11.19 -7.44
C GLU B 59 -0.71 -10.69 -8.85
N ALA B 60 -1.03 -9.40 -8.96
CA ALA B 60 -1.32 -8.80 -10.26
C ALA B 60 -0.10 -8.86 -11.17
N ARG B 61 1.08 -8.60 -10.60
CA ARG B 61 2.33 -8.61 -11.36
C ARG B 61 2.57 -10.02 -11.89
N ILE B 62 2.42 -11.00 -11.01
CA ILE B 62 2.62 -12.40 -11.37
C ILE B 62 1.65 -12.83 -12.47
N ASP B 63 0.39 -12.41 -12.34
CA ASP B 63 -0.62 -12.77 -13.35
C ASP B 63 -0.22 -12.24 -14.72
N SER B 64 0.26 -11.00 -14.76
CA SER B 64 0.69 -10.36 -16.00
C SER B 64 1.91 -11.05 -16.58
N LEU B 65 2.90 -11.32 -15.74
CA LEU B 65 4.13 -11.98 -16.18
C LEU B 65 3.82 -13.38 -16.73
N GLU B 66 2.98 -14.12 -16.03
CA GLU B 66 2.61 -15.47 -16.47
C GLU B 66 1.89 -15.43 -17.82
N ASP B 67 1.06 -14.40 -18.03
CA ASP B 67 0.33 -14.27 -19.29
C ASP B 67 1.30 -14.08 -20.44
N ILE B 68 2.20 -13.11 -20.30
CA ILE B 68 3.17 -12.82 -21.35
C ILE B 68 4.11 -13.98 -21.63
N LEU B 69 4.67 -14.57 -20.58
CA LEU B 69 5.59 -15.69 -20.77
C LEU B 69 4.94 -16.93 -21.36
N SER B 70 3.70 -17.20 -20.96
CA SER B 70 3.00 -18.38 -21.46
C SER B 70 2.65 -18.27 -22.94
N ARG B 71 2.50 -17.04 -23.43
CA ARG B 71 2.13 -16.82 -24.83
C ARG B 71 3.29 -16.42 -25.72
N ALA B 72 4.47 -16.29 -25.12
CA ALA B 72 5.65 -15.88 -25.86
C ALA B 72 6.12 -16.78 -27.01
N VAL B 73 6.56 -16.14 -28.08
CA VAL B 73 7.12 -16.85 -29.23
C VAL B 73 8.56 -16.38 -29.25
N ILE B 74 9.50 -17.32 -29.13
CA ILE B 74 10.92 -16.97 -29.10
C ILE B 74 11.46 -16.71 -30.50
N LEU B 75 11.98 -15.50 -30.70
CA LEU B 75 12.54 -15.12 -31.98
C LEU B 75 13.91 -15.76 -32.19
N GLU B 76 14.23 -16.06 -33.44
CA GLU B 76 15.53 -16.62 -33.77
C GLU B 76 16.53 -15.53 -33.44
N GLU B 77 17.68 -15.91 -32.90
CA GLU B 77 18.69 -14.91 -32.55
C GLU B 77 19.11 -14.10 -33.77
N GLY B 78 19.20 -12.79 -33.59
CA GLY B 78 19.58 -11.89 -34.67
C GLY B 78 18.46 -11.52 -35.63
N SER B 79 17.25 -12.02 -35.40
CA SER B 79 16.14 -11.73 -36.31
C SER B 79 15.27 -10.54 -35.93
N GLY B 80 15.22 -10.21 -34.64
CA GLY B 80 14.37 -9.09 -34.22
C GLY B 80 14.82 -7.77 -34.80
N GLU B 81 13.86 -6.97 -35.30
CA GLU B 81 14.17 -5.66 -35.86
C GLU B 81 14.91 -4.83 -34.82
N VAL B 82 15.80 -3.96 -35.29
CA VAL B 82 16.66 -3.15 -34.44
C VAL B 82 16.35 -1.66 -34.29
N ILE B 83 16.51 -1.16 -33.06
CA ILE B 83 16.28 0.25 -32.76
C ILE B 83 17.50 1.06 -33.17
N GLY B 84 17.35 1.91 -34.19
CA GLY B 84 18.45 2.74 -34.63
C GLY B 84 18.11 4.20 -34.45
N LEU B 85 19.03 5.09 -34.82
CA LEU B 85 18.77 6.52 -34.70
C LEU B 85 17.65 6.87 -35.68
N GLY B 86 16.56 7.42 -35.15
CA GLY B 86 15.44 7.80 -35.99
C GLY B 86 14.29 6.80 -35.93
N SER B 87 14.56 5.62 -35.37
CA SER B 87 13.54 4.59 -35.25
C SER B 87 12.37 4.96 -34.35
N VAL B 88 11.17 4.61 -34.80
CA VAL B 88 9.95 4.85 -34.03
C VAL B 88 9.64 3.50 -33.41
N VAL B 89 9.65 3.46 -32.08
CA VAL B 89 9.46 2.22 -31.35
C VAL B 89 8.20 2.11 -30.51
N GLU B 90 7.55 0.95 -30.60
CA GLU B 90 6.35 0.69 -29.83
C GLU B 90 6.78 -0.16 -28.64
N LEU B 91 6.49 0.33 -27.44
CA LEU B 91 6.85 -0.37 -26.21
C LEU B 91 5.62 -0.73 -25.39
N GLU B 92 5.71 -1.81 -24.61
CA GLU B 92 4.59 -2.22 -23.76
C GLU B 92 5.10 -2.72 -22.42
N ASP B 93 4.61 -2.12 -21.34
CA ASP B 93 4.99 -2.51 -20.00
C ASP B 93 4.34 -3.87 -19.76
N PRO B 94 5.16 -4.91 -19.55
CA PRO B 94 4.66 -6.27 -19.33
C PRO B 94 3.77 -6.45 -18.10
N LEU B 95 3.83 -5.50 -17.18
CA LEU B 95 3.04 -5.58 -15.95
C LEU B 95 1.69 -4.87 -16.02
N SER B 96 1.73 -3.59 -16.36
CA SER B 96 0.51 -2.80 -16.45
C SER B 96 -0.17 -2.92 -17.81
N GLY B 97 0.62 -3.24 -18.84
CA GLY B 97 0.06 -3.36 -20.17
C GLY B 97 0.06 -2.00 -20.85
N GLU B 98 0.61 -1.00 -20.16
CA GLU B 98 0.69 0.35 -20.69
C GLU B 98 1.54 0.41 -21.95
N ARG B 99 1.02 1.10 -22.96
CA ARG B 99 1.71 1.25 -24.24
C ARG B 99 2.41 2.61 -24.31
N LEU B 100 3.54 2.65 -24.98
CA LEU B 100 4.30 3.88 -25.13
C LEU B 100 4.99 3.91 -26.49
N SER B 101 4.80 5.00 -27.22
CA SER B 101 5.40 5.16 -28.53
C SER B 101 6.54 6.17 -28.40
N VAL B 102 7.74 5.77 -28.81
CA VAL B 102 8.90 6.66 -28.72
C VAL B 102 9.72 6.65 -29.99
N GLN B 103 10.52 7.69 -30.18
CA GLN B 103 11.40 7.75 -31.34
C GLN B 103 12.74 8.21 -30.80
N VAL B 104 13.79 7.48 -31.16
CA VAL B 104 15.13 7.85 -30.73
C VAL B 104 15.62 8.87 -31.73
N VAL B 105 15.97 10.06 -31.24
CA VAL B 105 16.41 11.15 -32.09
C VAL B 105 17.73 11.76 -31.63
N SER B 106 18.31 12.63 -32.46
CA SER B 106 19.55 13.29 -32.08
C SER B 106 19.14 14.34 -31.04
N PRO B 107 20.08 14.73 -30.16
CA PRO B 107 19.81 15.71 -29.11
C PRO B 107 18.98 16.94 -29.49
N ALA B 108 19.27 17.52 -30.66
CA ALA B 108 18.58 18.72 -31.11
C ALA B 108 17.08 18.55 -31.34
N GLU B 109 16.64 17.32 -31.58
CA GLU B 109 15.22 17.08 -31.83
C GLU B 109 14.42 16.53 -30.66
N ALA B 110 15.06 16.38 -29.51
CA ALA B 110 14.38 15.84 -28.34
C ALA B 110 13.16 16.64 -27.90
N ASN B 111 12.12 15.92 -27.47
CA ASN B 111 10.89 16.52 -26.97
C ASN B 111 10.10 15.38 -26.34
N VAL B 112 10.27 15.21 -25.03
CA VAL B 112 9.60 14.15 -24.30
C VAL B 112 8.09 14.29 -24.21
N LEU B 113 7.57 15.46 -24.60
CA LEU B 113 6.13 15.66 -24.55
C LEU B 113 5.46 15.54 -25.92
N ASP B 114 6.26 15.29 -26.96
CA ASP B 114 5.72 15.15 -28.30
C ASP B 114 5.14 13.74 -28.44
N THR B 115 4.50 13.47 -29.57
CA THR B 115 3.90 12.17 -29.84
C THR B 115 4.30 11.74 -31.26
N PRO B 116 5.14 10.70 -31.38
CA PRO B 116 5.73 9.89 -30.32
C PRO B 116 6.71 10.68 -29.45
N MET B 117 7.00 10.14 -28.27
CA MET B 117 7.94 10.75 -27.33
C MET B 117 9.31 10.76 -28.03
N LYS B 118 9.86 11.94 -28.26
CA LYS B 118 11.15 12.06 -28.92
C LYS B 118 12.26 12.09 -27.88
N ILE B 119 12.95 10.97 -27.80
CA ILE B 119 14.02 10.73 -26.83
C ILE B 119 15.41 10.91 -27.42
N SER B 120 16.20 11.78 -26.80
CA SER B 120 17.56 12.02 -27.27
C SER B 120 18.40 10.75 -27.14
N ASP B 121 19.21 10.46 -28.14
CA ASP B 121 20.05 9.26 -28.05
C ASP B 121 21.18 9.43 -27.03
N ALA B 122 21.31 10.63 -26.48
CA ALA B 122 22.34 10.91 -25.48
C ALA B 122 21.76 10.93 -24.07
N SER B 123 20.45 10.72 -23.97
CA SER B 123 19.78 10.71 -22.67
C SER B 123 19.84 9.30 -22.06
N PRO B 124 19.57 9.18 -20.76
CA PRO B 124 19.64 7.84 -20.16
C PRO B 124 18.71 6.85 -20.86
N MET B 125 17.51 7.30 -21.19
CA MET B 125 16.54 6.44 -21.86
C MET B 125 17.01 6.08 -23.28
N GLY B 126 17.50 7.09 -23.99
CA GLY B 126 17.98 6.87 -25.35
C GLY B 126 19.15 5.91 -25.41
N LYS B 127 20.09 6.04 -24.47
CA LYS B 127 21.25 5.17 -24.44
C LYS B 127 20.84 3.73 -24.13
N ALA B 128 19.75 3.57 -23.37
CA ALA B 128 19.28 2.24 -22.99
C ALA B 128 18.48 1.56 -24.10
N LEU B 129 17.96 2.33 -25.03
CA LEU B 129 17.15 1.81 -26.13
C LEU B 129 17.96 1.45 -27.36
N LEU B 130 18.90 2.32 -27.71
CA LEU B 130 19.71 2.14 -28.91
C LEU B 130 20.33 0.77 -29.10
N GLY B 131 20.17 0.22 -30.30
CA GLY B 131 20.75 -1.07 -30.61
C GLY B 131 19.99 -2.31 -30.21
N HIS B 132 18.94 -2.16 -29.40
CA HIS B 132 18.16 -3.31 -28.98
C HIS B 132 17.15 -3.76 -30.01
N ARG B 133 16.51 -4.90 -29.73
CA ARG B 133 15.58 -5.49 -30.68
C ARG B 133 14.16 -5.70 -30.23
N VAL B 134 13.29 -5.92 -31.21
CA VAL B 134 11.90 -6.26 -30.98
C VAL B 134 12.04 -7.57 -30.19
N GLY B 135 11.33 -7.69 -29.09
CA GLY B 135 11.41 -8.90 -28.28
C GLY B 135 12.27 -8.72 -27.04
N ASP B 136 13.08 -7.67 -27.02
CA ASP B 136 13.92 -7.41 -25.85
C ASP B 136 13.04 -6.79 -24.77
N VAL B 137 13.48 -6.93 -23.52
CA VAL B 137 12.74 -6.38 -22.38
C VAL B 137 13.77 -5.50 -21.67
N LEU B 138 13.45 -4.22 -21.54
CA LEU B 138 14.39 -3.28 -20.96
C LEU B 138 13.79 -2.42 -19.85
N SER B 139 14.62 -2.12 -18.86
CA SER B 139 14.18 -1.24 -17.78
C SER B 139 14.67 0.14 -18.20
N LEU B 140 13.73 1.08 -18.30
CA LEU B 140 14.04 2.43 -18.74
C LEU B 140 13.77 3.49 -17.69
N ASP B 141 14.56 4.56 -17.74
CA ASP B 141 14.41 5.68 -16.82
C ASP B 141 13.51 6.70 -17.52
N THR B 142 12.21 6.60 -17.27
CA THR B 142 11.23 7.49 -17.89
C THR B 142 10.89 8.67 -16.98
N PRO B 143 10.18 9.68 -17.51
CA PRO B 143 9.82 10.84 -16.71
C PRO B 143 8.79 10.47 -15.64
N LYS B 144 8.27 9.25 -15.73
CA LYS B 144 7.30 8.74 -14.77
C LYS B 144 8.01 7.84 -13.77
N GLY B 145 9.28 7.58 -14.02
CA GLY B 145 10.06 6.73 -13.13
C GLY B 145 10.64 5.54 -13.88
N LYS B 146 11.33 4.66 -13.17
CA LYS B 146 11.92 3.50 -13.81
C LYS B 146 10.83 2.47 -14.09
N ARG B 147 10.66 2.15 -15.36
CA ARG B 147 9.65 1.18 -15.77
C ARG B 147 10.26 0.17 -16.71
N GLU B 148 9.63 -1.00 -16.80
CA GLU B 148 10.11 -2.07 -17.67
C GLU B 148 9.24 -2.14 -18.91
N PHE B 149 9.86 -2.29 -20.08
CA PHE B 149 9.13 -2.36 -21.33
C PHE B 149 9.64 -3.43 -22.26
N ARG B 150 8.70 -4.06 -22.94
CA ARG B 150 9.03 -5.07 -23.93
C ARG B 150 8.95 -4.29 -25.25
N VAL B 151 9.90 -4.51 -26.14
CA VAL B 151 9.90 -3.84 -27.43
C VAL B 151 8.95 -4.63 -28.32
N VAL B 152 7.83 -4.02 -28.66
CA VAL B 152 6.80 -4.68 -29.46
C VAL B 152 7.01 -4.59 -30.96
N ALA B 153 7.36 -3.40 -31.44
CA ALA B 153 7.56 -3.21 -32.88
C ALA B 153 8.37 -1.96 -33.17
N ILE B 154 8.85 -1.88 -34.40
CA ILE B 154 9.64 -0.74 -34.85
C ILE B 154 9.24 -0.34 -36.27
N HIS B 155 9.03 0.94 -36.50
CA HIS B 155 8.66 1.43 -37.82
C HIS B 155 9.96 1.63 -38.61
N GLY B 156 10.12 0.86 -39.70
CA GLY B 156 11.32 0.97 -40.49
C GLY B 156 11.12 1.65 -41.83
#